data_4FIE
#
_entry.id   4FIE
#
_cell.length_a   141.537
_cell.length_b   141.537
_cell.length_c   61.893
_cell.angle_alpha   90.00
_cell.angle_beta   90.00
_cell.angle_gamma   120.00
#
_symmetry.space_group_name_H-M   'P 3'
#
loop_
_entity.id
_entity.type
_entity.pdbx_description
1 polymer 'Serine/threonine-protein kinase PAK 4'
2 non-polymer 'PHOSPHOAMINOPHOSPHONIC ACID-ADENYLATE ESTER'
3 water water
#
_entity_poly.entity_id   1
_entity_poly.type   'polypeptide(L)'
_entity_poly.pdbx_seq_one_letter_code
;GRKKRVEISAPSNFEHRVHTGFDQHEQKFTGLPRQWQSLIEESARRPKPLVDPACITSIQPGAPKTIVRGSKGAKDGALT
LLLDEFENMSVTRSNSLRRDSPPPPARARQENGMPEKPPGPRSPQREPQRVSHEQFRAALQLVVDPGDPRSYLDNFIKIG
EGSTGIVCIATVRSSGKLVAVKKMDLRKQQRRELLFNEVVIMRDYQHENVVEMYNSYLVGDELWVVMEFLEGGALTDIVT
HTRMNEEQIAAVCLAVLQALSVLHAQGVIHRDIKSDSILLTHDGRVKLSDFGFCAQVSKEVPRRK(SEP)LVGTPYWMAP
ELISRLPYGPEVDIWSLGIMVIEMVDGEPPYFNEPPLKAMKMIRDNLPPRLKNLHKVSPSLKGFLDRLLVRDPAQRATAA
ELLKHPFLAKAGPPASIVPLMRQNRTR
;
_entity_poly.pdbx_strand_id   A,B
#
loop_
_chem_comp.id
_chem_comp.type
_chem_comp.name
_chem_comp.formula
ANP non-polymer 'PHOSPHOAMINOPHOSPHONIC ACID-ADENYLATE ESTER' 'C10 H17 N6 O12 P3'
#
# COMPACT_ATOMS: atom_id res chain seq x y z
N ARG A 46 26.01 3.91 21.12
CA ARG A 46 25.34 4.73 20.07
C ARG A 46 23.86 4.99 20.42
N PRO A 47 23.39 6.23 20.25
CA PRO A 47 21.96 6.55 20.42
C PRO A 47 21.11 5.98 19.29
N LYS A 48 20.04 5.27 19.67
CA LYS A 48 19.14 4.61 18.73
C LYS A 48 18.07 5.59 18.23
N PRO A 49 17.69 5.49 16.94
CA PRO A 49 16.57 6.27 16.38
C PRO A 49 15.30 6.17 17.21
N LEU A 50 14.56 7.27 17.33
CA LEU A 50 13.45 7.38 18.26
C LEU A 50 12.13 7.79 17.61
N VAL A 51 11.05 7.13 18.02
CA VAL A 51 9.68 7.51 17.63
C VAL A 51 8.81 7.63 18.88
N ASP A 52 8.50 8.87 19.26
CA ASP A 52 7.68 9.20 20.44
C ASP A 52 7.81 8.22 21.61
N GLN A 129 -3.84 -8.87 19.95
CA GLN A 129 -3.81 -8.04 18.75
C GLN A 129 -3.82 -8.88 17.48
N ARG A 130 -4.93 -9.56 17.23
CA ARG A 130 -5.13 -10.32 15.99
C ARG A 130 -5.32 -9.35 14.83
N VAL A 131 -6.50 -8.72 14.79
CA VAL A 131 -6.88 -7.77 13.72
C VAL A 131 -5.75 -6.79 13.42
N SER A 132 -5.15 -6.25 14.48
CA SER A 132 -4.04 -5.32 14.39
C SER A 132 -2.88 -5.91 13.57
N HIS A 133 -2.38 -7.06 14.02
CA HIS A 133 -1.24 -7.71 13.37
C HIS A 133 -1.61 -8.28 12.03
N GLU A 134 -2.61 -9.15 12.03
CA GLU A 134 -2.99 -9.93 10.84
C GLU A 134 -3.41 -9.05 9.67
N GLN A 135 -4.06 -7.93 9.98
CA GLN A 135 -4.46 -6.97 8.96
C GLN A 135 -3.24 -6.25 8.39
N PHE A 136 -2.33 -5.85 9.29
CA PHE A 136 -1.11 -5.16 8.89
C PHE A 136 -0.21 -6.05 8.05
N ARG A 137 -0.13 -7.32 8.43
CA ARG A 137 0.60 -8.31 7.66
C ARG A 137 -0.03 -8.46 6.28
N ALA A 138 -1.34 -8.59 6.25
CA ALA A 138 -2.11 -8.75 5.01
C ALA A 138 -1.86 -7.58 4.06
N ALA A 139 -1.73 -6.39 4.64
CA ALA A 139 -1.43 -5.17 3.89
C ALA A 139 -0.07 -5.27 3.22
N LEU A 140 0.96 -5.57 4.01
CA LEU A 140 2.34 -5.68 3.53
C LEU A 140 2.51 -6.78 2.50
N GLN A 141 1.76 -7.86 2.68
CA GLN A 141 1.73 -8.98 1.74
C GLN A 141 1.41 -8.49 0.31
N LEU A 142 0.45 -7.57 0.22
CA LEU A 142 0.01 -7.00 -1.06
C LEU A 142 1.02 -6.00 -1.63
N VAL A 143 1.73 -5.31 -0.74
CA VAL A 143 2.72 -4.31 -1.13
C VAL A 143 4.00 -4.92 -1.70
N VAL A 144 4.50 -5.96 -1.04
CA VAL A 144 5.78 -6.59 -1.40
C VAL A 144 5.68 -7.52 -2.61
N ASP A 145 6.85 -7.92 -3.12
CA ASP A 145 6.93 -8.96 -4.14
C ASP A 145 6.56 -10.31 -3.53
N PRO A 146 6.04 -11.24 -4.34
CA PRO A 146 5.62 -12.54 -3.80
C PRO A 146 6.78 -13.53 -3.64
N GLY A 147 6.57 -14.56 -2.83
CA GLY A 147 7.53 -15.65 -2.67
C GLY A 147 8.52 -15.48 -1.53
N ASP A 148 9.63 -16.22 -1.61
CA ASP A 148 10.68 -16.19 -0.60
C ASP A 148 12.05 -15.97 -1.27
N PRO A 149 12.86 -15.05 -0.71
CA PRO A 149 14.16 -14.70 -1.27
C PRO A 149 15.21 -15.79 -1.15
N ARG A 150 15.03 -16.71 -0.20
CA ARG A 150 15.96 -17.81 0.03
C ARG A 150 15.99 -18.81 -1.12
N SER A 151 15.00 -18.72 -2.01
CA SER A 151 14.99 -19.51 -3.24
C SER A 151 16.12 -19.13 -4.20
N TYR A 152 16.79 -18.01 -3.94
CA TYR A 152 17.92 -17.59 -4.78
C TYR A 152 19.09 -16.95 -4.01
N LEU A 153 18.96 -16.87 -2.69
CA LEU A 153 19.99 -16.26 -1.83
C LEU A 153 20.65 -17.24 -0.86
N ASP A 154 21.96 -17.08 -0.66
CA ASP A 154 22.73 -17.95 0.23
C ASP A 154 23.50 -17.14 1.28
N ASN A 155 23.86 -17.82 2.38
CA ASN A 155 24.77 -17.30 3.41
C ASN A 155 24.32 -16.01 4.08
N PHE A 156 23.17 -16.07 4.75
CA PHE A 156 22.67 -14.94 5.52
C PHE A 156 23.49 -14.75 6.79
N ILE A 157 24.38 -13.76 6.77
CA ILE A 157 25.23 -13.46 7.91
C ILE A 157 25.01 -12.02 8.36
N LYS A 158 24.65 -11.84 9.63
CA LYS A 158 24.38 -10.52 10.19
C LYS A 158 25.56 -9.56 10.05
N ILE A 159 25.26 -8.30 9.77
CA ILE A 159 26.27 -7.25 9.71
C ILE A 159 26.15 -6.33 10.93
N GLY A 160 24.96 -5.76 11.11
CA GLY A 160 24.71 -4.84 12.20
C GLY A 160 23.24 -4.61 12.44
N GLU A 161 22.88 -4.45 13.71
CA GLU A 161 21.49 -4.16 14.06
C GLU A 161 21.21 -2.67 14.02
N GLY A 162 19.98 -2.31 13.68
CA GLY A 162 19.54 -0.92 13.70
C GLY A 162 18.45 -0.71 14.72
N SER A 163 17.50 0.17 14.39
CA SER A 163 16.34 0.42 15.24
C SER A 163 15.15 -0.42 14.78
N THR A 164 14.94 -0.45 13.46
CA THR A 164 13.85 -1.21 12.87
C THR A 164 14.13 -2.72 12.86
N GLY A 165 15.41 -3.09 12.85
CA GLY A 165 15.82 -4.49 12.85
C GLY A 165 17.24 -4.67 12.39
N ILE A 166 17.63 -5.92 12.18
CA ILE A 166 19.00 -6.25 11.78
C ILE A 166 19.22 -6.17 10.27
N VAL A 167 20.41 -5.72 9.88
CA VAL A 167 20.84 -5.77 8.49
C VAL A 167 21.84 -6.91 8.40
N CYS A 168 21.69 -7.74 7.37
CA CYS A 168 22.60 -8.84 7.16
C CYS A 168 22.97 -8.99 5.69
N ILE A 169 24.07 -9.66 5.41
CA ILE A 169 24.55 -9.87 4.05
C ILE A 169 24.07 -11.21 3.48
N ALA A 170 24.09 -11.32 2.15
CA ALA A 170 23.70 -12.54 1.46
C ALA A 170 24.26 -12.55 0.04
N THR A 171 24.26 -13.71 -0.59
CA THR A 171 24.82 -13.85 -1.94
C THR A 171 23.77 -14.34 -2.94
N VAL A 172 23.83 -13.82 -4.16
CA VAL A 172 23.03 -14.34 -5.26
C VAL A 172 23.63 -15.68 -5.65
N ARG A 173 22.81 -16.74 -5.59
CA ARG A 173 23.26 -18.10 -5.86
C ARG A 173 23.82 -18.28 -7.27
N SER A 174 23.11 -17.76 -8.26
CA SER A 174 23.51 -17.91 -9.66
C SER A 174 24.77 -17.14 -10.02
N SER A 175 24.75 -15.82 -9.83
CA SER A 175 25.86 -14.95 -10.23
C SER A 175 27.03 -14.96 -9.25
N GLY A 176 26.72 -15.09 -7.95
CA GLY A 176 27.74 -15.04 -6.91
C GLY A 176 27.94 -13.65 -6.34
N LYS A 177 27.14 -12.70 -6.82
CA LYS A 177 27.23 -11.30 -6.42
C LYS A 177 26.57 -11.03 -5.06
N LEU A 178 27.08 -10.03 -4.35
CA LEU A 178 26.64 -9.72 -2.99
C LEU A 178 25.47 -8.75 -2.93
N VAL A 179 24.55 -9.02 -2.01
CA VAL A 179 23.43 -8.12 -1.72
C VAL A 179 23.30 -7.97 -0.20
N ALA A 180 22.51 -7.00 0.24
CA ALA A 180 22.19 -6.86 1.65
C ALA A 180 20.72 -7.18 1.86
N VAL A 181 20.37 -7.64 3.06
CA VAL A 181 19.00 -7.92 3.40
C VAL A 181 18.68 -7.31 4.76
N LYS A 182 17.74 -6.38 4.77
CA LYS A 182 17.25 -5.82 6.03
C LYS A 182 16.09 -6.68 6.50
N LYS A 183 16.20 -7.16 7.74
CA LYS A 183 15.14 -7.96 8.33
C LYS A 183 14.50 -7.17 9.46
N MET A 184 13.20 -6.93 9.35
CA MET A 184 12.46 -6.17 10.35
C MET A 184 11.25 -6.96 10.82
N ASP A 185 11.17 -7.15 12.13
CA ASP A 185 10.04 -7.84 12.72
C ASP A 185 8.83 -6.93 12.81
N LEU A 186 7.68 -7.46 12.43
CA LEU A 186 6.43 -6.69 12.38
C LEU A 186 5.89 -6.34 13.76
N ARG A 187 5.84 -7.33 14.66
CA ARG A 187 5.31 -7.12 16.00
C ARG A 187 6.34 -6.53 16.96
N LYS A 188 7.58 -6.36 16.48
CA LYS A 188 8.65 -5.76 17.29
C LYS A 188 8.97 -4.33 16.86
N GLN A 189 7.97 -3.64 16.31
CA GLN A 189 8.16 -2.27 15.80
C GLN A 189 7.79 -1.18 16.79
N GLN A 190 8.38 0.00 16.59
CA GLN A 190 8.07 1.20 17.35
C GLN A 190 6.65 1.65 17.02
N ARG A 191 6.34 1.61 15.72
CA ARG A 191 5.13 2.18 15.14
C ARG A 191 5.00 1.55 13.76
N ARG A 192 4.32 0.40 13.73
CA ARG A 192 4.24 -0.47 12.55
C ARG A 192 4.17 0.23 11.20
N GLU A 193 3.20 1.12 11.05
CA GLU A 193 2.85 1.76 9.78
C GLU A 193 4.02 2.42 9.04
N LEU A 194 5.13 2.66 9.75
CA LEU A 194 6.32 3.25 9.15
C LEU A 194 7.11 2.28 8.30
N LEU A 195 6.75 0.99 8.37
CA LEU A 195 7.42 -0.03 7.59
C LEU A 195 7.15 0.09 6.09
N PHE A 196 6.05 0.76 5.74
CA PHE A 196 5.69 0.96 4.34
C PHE A 196 6.72 1.79 3.58
N ASN A 197 7.35 2.71 4.30
CA ASN A 197 8.40 3.56 3.74
C ASN A 197 9.54 2.75 3.13
N GLU A 198 10.01 1.76 3.87
CA GLU A 198 11.14 0.92 3.44
C GLU A 198 10.97 0.38 2.04
N VAL A 199 9.74 0.00 1.69
CA VAL A 199 9.41 -0.53 0.38
C VAL A 199 9.24 0.58 -0.65
N VAL A 200 8.35 1.52 -0.33
CA VAL A 200 7.87 2.54 -1.27
C VAL A 200 8.96 3.54 -1.66
N ILE A 201 9.56 4.19 -0.66
CA ILE A 201 10.55 5.25 -0.91
C ILE A 201 11.62 4.81 -1.90
N MET A 202 12.25 3.67 -1.64
CA MET A 202 13.30 3.15 -2.52
C MET A 202 12.75 2.66 -3.87
N ARG A 203 11.50 2.21 -3.86
CA ARG A 203 10.82 1.76 -5.09
C ARG A 203 10.69 2.91 -6.09
N ASP A 204 10.19 4.04 -5.59
CA ASP A 204 9.89 5.21 -6.43
C ASP A 204 11.13 6.01 -6.79
N TYR A 205 11.88 6.44 -5.77
CA TYR A 205 12.94 7.44 -5.95
C TYR A 205 14.29 6.85 -6.31
N GLN A 206 14.34 6.16 -7.45
CA GLN A 206 15.61 5.65 -7.98
C GLN A 206 16.49 6.83 -8.39
N HIS A 207 17.53 7.07 -7.60
CA HIS A 207 18.41 8.22 -7.79
C HIS A 207 19.85 7.84 -7.59
N GLU A 208 20.73 8.55 -8.29
CA GLU A 208 22.18 8.36 -8.22
C GLU A 208 22.72 8.30 -6.79
N ASN A 209 22.19 9.17 -5.92
CA ASN A 209 22.64 9.25 -4.53
C ASN A 209 21.68 8.59 -3.56
N VAL A 210 20.97 7.57 -4.05
CA VAL A 210 20.04 6.81 -3.22
C VAL A 210 20.32 5.32 -3.35
N VAL A 211 20.32 4.63 -2.21
CA VAL A 211 20.50 3.18 -2.16
C VAL A 211 19.45 2.48 -3.01
N GLU A 212 19.90 1.64 -3.92
CA GLU A 212 19.01 0.85 -4.77
C GLU A 212 18.30 -0.23 -3.97
N MET A 213 17.04 -0.47 -4.30
CA MET A 213 16.29 -1.58 -3.74
C MET A 213 15.96 -2.51 -4.89
N TYR A 214 16.32 -3.78 -4.72
CA TYR A 214 16.02 -4.77 -5.76
C TYR A 214 14.64 -5.35 -5.56
N ASN A 215 14.36 -5.82 -4.34
CA ASN A 215 13.08 -6.45 -4.02
C ASN A 215 12.74 -6.37 -2.55
N SER A 216 11.47 -6.60 -2.25
CA SER A 216 10.99 -6.72 -0.87
C SER A 216 10.11 -7.95 -0.76
N TYR A 217 10.19 -8.63 0.38
CA TYR A 217 9.42 -9.85 0.62
C TYR A 217 8.91 -9.90 2.04
N LEU A 218 7.93 -10.76 2.27
CA LEU A 218 7.42 -11.00 3.60
C LEU A 218 7.71 -12.44 3.99
N VAL A 219 8.36 -12.62 5.14
CA VAL A 219 8.73 -13.94 5.63
C VAL A 219 8.33 -14.05 7.10
N GLY A 220 7.33 -14.89 7.38
CA GLY A 220 6.81 -15.03 8.74
C GLY A 220 6.40 -13.69 9.32
N ASP A 221 6.96 -13.35 10.49
CA ASP A 221 6.68 -12.07 11.14
C ASP A 221 7.70 -10.99 10.74
N GLU A 222 8.35 -11.17 9.59
CA GLU A 222 9.45 -10.31 9.19
C GLU A 222 9.32 -9.75 7.78
N LEU A 223 9.72 -8.51 7.62
CA LEU A 223 9.85 -7.87 6.31
C LEU A 223 11.29 -7.97 5.86
N TRP A 224 11.49 -8.40 4.61
CA TRP A 224 12.83 -8.64 4.07
C TRP A 224 13.08 -7.84 2.82
N VAL A 225 13.69 -6.67 3.01
CA VAL A 225 14.01 -5.80 1.89
C VAL A 225 15.40 -6.14 1.35
N VAL A 226 15.46 -6.50 0.06
CA VAL A 226 16.71 -6.83 -0.58
C VAL A 226 17.25 -5.62 -1.33
N MET A 227 18.23 -4.95 -0.73
CA MET A 227 18.85 -3.76 -1.32
C MET A 227 20.31 -4.00 -1.70
N GLU A 228 20.94 -3.01 -2.32
CA GLU A 228 22.35 -3.10 -2.74
C GLU A 228 23.30 -3.06 -1.55
N PHE A 229 24.39 -3.82 -1.65
CA PHE A 229 25.40 -3.81 -0.60
C PHE A 229 26.37 -2.66 -0.79
N LEU A 230 26.54 -1.86 0.26
CA LEU A 230 27.47 -0.73 0.21
C LEU A 230 28.76 -0.99 0.98
N GLU A 231 29.83 -1.18 0.20
CA GLU A 231 31.14 -1.60 0.69
C GLU A 231 31.72 -0.68 1.74
N GLY A 232 31.72 0.61 1.45
CA GLY A 232 32.39 1.61 2.29
C GLY A 232 31.86 1.77 3.70
N GLY A 233 30.69 1.19 3.97
CA GLY A 233 30.05 1.30 5.28
C GLY A 233 29.53 2.69 5.59
N ALA A 234 29.20 2.92 6.86
CA ALA A 234 28.63 4.20 7.30
C ALA A 234 29.65 5.34 7.29
N LEU A 235 29.14 6.56 7.24
CA LEU A 235 29.95 7.76 7.37
C LEU A 235 30.34 7.99 8.83
N THR A 236 29.61 7.34 9.74
CA THR A 236 29.88 7.41 11.18
C THR A 236 31.28 6.91 11.47
N ASP A 237 31.61 5.76 10.88
CA ASP A 237 32.92 5.13 11.00
C ASP A 237 34.05 6.09 10.67
N ILE A 238 33.90 6.84 9.58
CA ILE A 238 34.92 7.76 9.12
C ILE A 238 34.97 9.04 9.96
N VAL A 239 33.80 9.55 10.33
CA VAL A 239 33.71 10.80 11.09
C VAL A 239 34.40 10.73 12.46
N THR A 240 34.27 9.57 13.13
CA THR A 240 34.82 9.38 14.47
C THR A 240 36.32 9.06 14.50
N HIS A 241 36.78 8.32 13.49
CA HIS A 241 38.17 7.84 13.44
C HIS A 241 39.13 8.88 12.91
N THR A 242 38.95 9.29 11.65
CA THR A 242 39.70 10.43 11.10
C THR A 242 38.79 11.63 10.92
N ARG A 243 39.36 12.76 10.51
CA ARG A 243 38.56 13.94 10.26
C ARG A 243 38.90 14.60 8.92
N MET A 244 37.88 14.69 8.08
CA MET A 244 38.01 15.00 6.67
C MET A 244 38.38 16.45 6.41
N ASN A 245 38.94 16.70 5.22
CA ASN A 245 39.16 18.06 4.75
C ASN A 245 37.91 18.62 4.09
N GLU A 246 37.92 19.92 3.79
CA GLU A 246 36.76 20.62 3.22
C GLU A 246 36.34 20.06 1.87
N GLU A 247 37.32 19.70 1.04
CA GLU A 247 37.08 19.12 -0.28
C GLU A 247 36.21 17.86 -0.18
N GLN A 248 36.51 17.02 0.81
CA GLN A 248 35.78 15.78 1.03
C GLN A 248 34.42 16.02 1.67
N ILE A 249 34.36 16.97 2.61
CA ILE A 249 33.12 17.34 3.28
C ILE A 249 32.10 17.88 2.27
N ALA A 250 32.58 18.72 1.36
CA ALA A 250 31.72 19.26 0.29
C ALA A 250 31.16 18.14 -0.59
N ALA A 251 32.01 17.16 -0.90
CA ALA A 251 31.60 16.03 -1.74
C ALA A 251 30.44 15.26 -1.13
N VAL A 252 30.45 15.13 0.20
CA VAL A 252 29.36 14.48 0.91
C VAL A 252 28.08 15.31 0.84
N CYS A 253 28.17 16.57 1.29
CA CYS A 253 27.03 17.49 1.30
C CYS A 253 26.31 17.61 -0.03
N LEU A 254 27.07 17.60 -1.13
CA LEU A 254 26.50 17.63 -2.47
C LEU A 254 25.65 16.39 -2.72
N ALA A 255 26.22 15.22 -2.45
CA ALA A 255 25.54 13.95 -2.66
C ALA A 255 24.25 13.82 -1.84
N VAL A 256 24.28 14.30 -0.60
CA VAL A 256 23.10 14.26 0.26
C VAL A 256 22.04 15.25 -0.23
N LEU A 257 22.46 16.47 -0.54
CA LEU A 257 21.53 17.51 -0.97
C LEU A 257 20.85 17.17 -2.30
N GLN A 258 21.62 16.59 -3.23
CA GLN A 258 21.07 16.12 -4.49
C GLN A 258 19.92 15.13 -4.26
N ALA A 259 20.13 14.21 -3.34
CA ALA A 259 19.10 13.24 -2.97
C ALA A 259 17.93 13.89 -2.24
N LEU A 260 18.25 14.76 -1.29
CA LEU A 260 17.24 15.43 -0.47
C LEU A 260 16.37 16.43 -1.24
N SER A 261 16.92 16.99 -2.31
CA SER A 261 16.18 17.92 -3.14
C SER A 261 15.04 17.20 -3.83
N VAL A 262 15.34 16.01 -4.36
CA VAL A 262 14.38 15.16 -5.05
C VAL A 262 13.26 14.70 -4.11
N LEU A 263 13.63 14.35 -2.88
CA LEU A 263 12.64 13.94 -1.87
C LEU A 263 11.77 15.10 -1.43
N HIS A 264 12.39 16.26 -1.22
CA HIS A 264 11.65 17.47 -0.86
C HIS A 264 10.78 17.96 -1.97
N ALA A 265 11.24 17.79 -3.21
CA ALA A 265 10.46 18.13 -4.41
C ALA A 265 9.09 17.45 -4.40
N GLN A 266 9.05 16.20 -3.95
CA GLN A 266 7.80 15.44 -3.85
C GLN A 266 7.20 15.51 -2.46
N GLY A 267 7.71 16.44 -1.64
CA GLY A 267 7.20 16.66 -0.29
C GLY A 267 7.43 15.49 0.65
N VAL A 268 8.61 14.87 0.54
CA VAL A 268 9.01 13.76 1.39
C VAL A 268 10.16 14.15 2.31
N ILE A 269 9.89 14.13 3.61
CA ILE A 269 10.88 14.40 4.64
C ILE A 269 11.56 13.10 5.04
N HIS A 270 12.88 13.11 5.14
CA HIS A 270 13.66 11.95 5.56
C HIS A 270 13.53 11.71 7.04
N ARG A 271 13.49 12.81 7.80
CA ARG A 271 13.31 12.80 9.25
C ARG A 271 14.48 12.22 10.07
N ASP A 272 15.41 11.54 9.41
CA ASP A 272 16.55 10.91 10.11
C ASP A 272 17.90 11.08 9.39
N ILE A 273 18.32 12.33 9.22
CA ILE A 273 19.62 12.63 8.62
C ILE A 273 20.71 12.61 9.70
N LYS A 274 21.66 11.71 9.51
CA LYS A 274 22.84 11.57 10.38
C LYS A 274 23.91 10.81 9.61
N SER A 275 25.15 10.84 10.12
CA SER A 275 26.26 10.13 9.47
C SER A 275 25.97 8.65 9.30
N ASP A 276 25.13 8.12 10.19
CA ASP A 276 24.76 6.71 10.19
C ASP A 276 23.88 6.35 8.99
N SER A 277 23.11 7.33 8.52
CA SER A 277 22.22 7.16 7.38
C SER A 277 22.97 7.22 6.04
N ILE A 278 24.15 7.81 6.05
CA ILE A 278 24.96 7.98 4.84
C ILE A 278 25.92 6.81 4.67
N LEU A 279 25.89 6.18 3.51
CA LEU A 279 26.75 5.02 3.25
C LEU A 279 27.61 5.23 2.00
N LEU A 280 28.67 4.45 1.87
CA LEU A 280 29.61 4.60 0.75
C LEU A 280 29.81 3.32 -0.06
N THR A 281 30.25 3.49 -1.31
CA THR A 281 30.69 2.37 -2.13
C THR A 281 32.19 2.18 -1.94
N HIS A 282 32.75 1.18 -2.61
CA HIS A 282 34.20 0.95 -2.58
C HIS A 282 34.95 2.03 -3.32
N ASP A 283 34.29 2.64 -4.31
CA ASP A 283 34.91 3.67 -5.15
C ASP A 283 34.59 5.09 -4.65
N GLY A 284 34.09 5.18 -3.42
CA GLY A 284 33.91 6.47 -2.74
C GLY A 284 32.65 7.24 -3.07
N ARG A 285 31.73 6.62 -3.81
CA ARG A 285 30.44 7.24 -4.10
C ARG A 285 29.54 7.21 -2.87
N VAL A 286 28.80 8.30 -2.67
CA VAL A 286 27.95 8.47 -1.49
C VAL A 286 26.49 8.22 -1.86
N LYS A 287 25.78 7.51 -0.98
CA LYS A 287 24.34 7.27 -1.15
C LYS A 287 23.61 7.43 0.17
N LEU A 288 22.36 7.88 0.12
CA LEU A 288 21.54 8.04 1.32
C LEU A 288 20.70 6.79 1.55
N SER A 289 20.52 6.43 2.82
CA SER A 289 19.82 5.21 3.20
C SER A 289 18.95 5.40 4.45
N ASP A 290 18.31 4.32 4.88
CA ASP A 290 17.53 4.28 6.12
C ASP A 290 16.32 5.22 6.06
N PHE A 291 15.37 4.87 5.20
CA PHE A 291 14.21 5.70 4.92
C PHE A 291 12.99 5.35 5.78
N GLY A 292 13.22 4.57 6.84
CA GLY A 292 12.15 4.06 7.68
C GLY A 292 11.34 5.09 8.47
N PHE A 293 11.77 6.35 8.43
CA PHE A 293 11.11 7.42 9.18
C PHE A 293 10.52 8.49 8.26
N CYS A 294 10.51 8.22 6.97
CA CYS A 294 10.02 9.17 5.98
C CYS A 294 8.60 9.64 6.24
N ALA A 295 8.38 10.93 5.99
CA ALA A 295 7.08 11.57 6.13
C ALA A 295 6.61 12.08 4.78
N GLN A 296 5.29 12.29 4.67
CA GLN A 296 4.70 12.84 3.46
C GLN A 296 4.03 14.18 3.77
N VAL A 297 4.25 15.14 2.89
CA VAL A 297 3.66 16.47 2.98
C VAL A 297 3.20 16.90 1.58
N SER A 298 1.97 17.41 1.50
CA SER A 298 1.38 17.81 0.21
C SER A 298 0.67 19.16 0.27
N LYS A 299 -0.18 19.43 -0.71
CA LYS A 299 -0.98 20.65 -0.76
C LYS A 299 -1.94 20.72 0.42
N GLU A 300 -2.57 19.59 0.72
CA GLU A 300 -3.56 19.48 1.80
C GLU A 300 -2.94 19.13 3.15
N VAL A 301 -1.73 18.57 3.11
CA VAL A 301 -0.96 18.33 4.32
C VAL A 301 0.19 19.34 4.35
N PRO A 302 0.09 20.36 5.23
CA PRO A 302 1.10 21.41 5.27
C PRO A 302 2.40 20.96 5.96
N ARG A 303 2.28 20.55 7.21
CA ARG A 303 3.43 20.16 8.03
C ARG A 303 3.09 18.85 8.75
N ARG A 304 4.12 18.17 9.26
CA ARG A 304 3.93 17.02 10.13
C ARG A 304 3.97 17.51 11.57
N LYS A 305 3.82 16.61 12.54
CA LYS A 305 3.86 17.00 13.96
C LYS A 305 4.27 15.89 14.93
N SEP A 306 4.78 14.77 14.41
CA SEP A 306 5.20 13.64 15.24
CB SEP A 306 4.96 12.31 14.54
OG SEP A 306 3.77 12.36 13.76
C SEP A 306 6.64 13.74 15.63
O SEP A 306 7.49 14.18 14.85
P SEP A 306 3.82 12.07 12.17
O1P SEP A 306 2.45 11.55 11.85
O2P SEP A 306 4.12 13.42 11.56
O3P SEP A 306 4.92 11.04 12.02
N LEU A 307 6.95 13.30 16.86
CA LEU A 307 8.32 13.28 17.37
C LEU A 307 9.10 12.11 16.79
N VAL A 308 9.89 12.40 15.75
CA VAL A 308 10.60 11.36 15.00
C VAL A 308 12.05 11.76 14.72
N GLY A 309 12.96 10.79 14.83
CA GLY A 309 14.37 10.99 14.51
C GLY A 309 15.31 10.66 15.65
N THR A 310 16.60 10.87 15.43
CA THR A 310 17.62 10.72 16.48
C THR A 310 17.70 12.01 17.30
N PRO A 311 17.85 11.87 18.63
CA PRO A 311 17.74 12.99 19.59
C PRO A 311 18.59 14.22 19.25
N TYR A 312 19.87 14.00 18.95
CA TYR A 312 20.82 15.10 18.75
C TYR A 312 20.62 15.84 17.42
N TRP A 313 20.31 15.07 16.37
CA TRP A 313 20.13 15.61 15.03
C TRP A 313 18.78 16.24 14.81
N MET A 314 17.93 16.18 15.83
CA MET A 314 16.58 16.76 15.78
C MET A 314 16.61 18.28 15.71
N ALA A 315 15.74 18.84 14.86
CA ALA A 315 15.58 20.28 14.73
C ALA A 315 14.92 20.89 15.97
N PRO A 316 15.08 22.21 16.19
CA PRO A 316 14.48 22.86 17.36
C PRO A 316 12.94 22.90 17.36
N GLU A 317 12.34 23.13 16.19
CA GLU A 317 10.87 23.18 16.07
C GLU A 317 10.23 21.79 16.26
N LEU A 318 10.98 20.75 15.91
CA LEU A 318 10.53 19.38 16.07
C LEU A 318 10.56 18.95 17.55
N ILE A 319 11.55 19.45 18.29
CA ILE A 319 11.68 19.15 19.72
C ILE A 319 10.61 19.90 20.54
N SER A 320 10.21 21.07 20.07
CA SER A 320 9.09 21.81 20.70
C SER A 320 7.73 21.25 20.26
N ARG A 321 7.76 20.16 19.49
CA ARG A 321 6.58 19.45 18.97
C ARG A 321 5.64 20.29 18.08
N LEU A 322 6.13 21.43 17.62
CA LEU A 322 5.38 22.31 16.72
C LEU A 322 5.35 21.72 15.32
N PRO A 323 4.31 22.07 14.52
CA PRO A 323 4.20 21.59 13.14
C PRO A 323 5.43 21.96 12.29
N TYR A 324 6.04 20.95 11.68
CA TYR A 324 7.30 21.11 10.96
C TYR A 324 7.25 20.57 9.54
N GLY A 325 8.04 21.17 8.66
CA GLY A 325 8.10 20.76 7.26
C GLY A 325 9.40 20.05 6.89
N PRO A 326 9.75 20.06 5.59
CA PRO A 326 10.98 19.45 5.08
C PRO A 326 12.26 20.10 5.61
N GLU A 327 12.12 21.22 6.30
CA GLU A 327 13.25 22.02 6.79
C GLU A 327 14.04 21.33 7.89
N VAL A 328 13.38 20.42 8.61
CA VAL A 328 14.02 19.69 9.72
C VAL A 328 15.17 18.80 9.24
N ASP A 329 15.17 18.45 7.96
CA ASP A 329 16.25 17.70 7.36
C ASP A 329 17.48 18.57 7.13
N ILE A 330 17.24 19.81 6.70
CA ILE A 330 18.30 20.79 6.47
C ILE A 330 19.10 21.05 7.75
N TRP A 331 18.37 21.27 8.85
CA TRP A 331 18.99 21.41 10.17
C TRP A 331 19.77 20.18 10.53
N SER A 332 19.15 19.01 10.36
CA SER A 332 19.80 17.73 10.66
C SER A 332 21.13 17.59 9.92
N LEU A 333 21.16 18.07 8.67
CA LEU A 333 22.38 18.07 7.88
C LEU A 333 23.40 19.04 8.48
N GLY A 334 22.91 20.15 8.99
CA GLY A 334 23.75 21.12 9.70
C GLY A 334 24.51 20.45 10.83
N ILE A 335 23.81 19.64 11.61
CA ILE A 335 24.40 18.88 12.70
C ILE A 335 25.38 17.83 12.14
N MET A 336 25.05 17.29 10.97
CA MET A 336 25.91 16.30 10.33
C MET A 336 27.18 16.92 9.75
N VAL A 337 27.15 18.24 9.51
CA VAL A 337 28.34 18.99 9.12
C VAL A 337 29.28 19.13 10.33
N ILE A 338 28.71 19.52 11.47
CA ILE A 338 29.43 19.56 12.73
C ILE A 338 30.09 18.21 13.02
N GLU A 339 29.38 17.13 12.71
CA GLU A 339 29.95 15.79 12.84
C GLU A 339 31.27 15.65 12.08
N MET A 340 31.25 15.94 10.78
CA MET A 340 32.41 15.76 9.91
C MET A 340 33.58 16.62 10.34
N VAL A 341 33.27 17.84 10.80
CA VAL A 341 34.29 18.79 11.23
C VAL A 341 34.82 18.46 12.62
N ASP A 342 33.93 18.42 13.61
CA ASP A 342 34.32 18.32 15.02
C ASP A 342 34.36 16.91 15.61
N GLY A 343 33.87 15.92 14.85
CA GLY A 343 33.87 14.52 15.31
C GLY A 343 32.58 14.06 15.98
N GLU A 344 31.86 15.00 16.60
CA GLU A 344 30.64 14.73 17.34
C GLU A 344 29.54 15.73 16.98
N PRO A 345 28.27 15.33 17.15
CA PRO A 345 27.18 16.31 17.16
C PRO A 345 27.22 17.10 18.46
N PRO A 346 26.68 18.33 18.47
CA PRO A 346 26.67 19.11 19.71
C PRO A 346 25.98 18.36 20.86
N TYR A 347 26.56 18.48 22.06
CA TYR A 347 26.05 17.83 23.28
C TYR A 347 25.99 16.30 23.22
N PHE A 348 26.85 15.68 22.42
CA PHE A 348 26.83 14.22 22.27
C PHE A 348 27.19 13.46 23.55
N ASN A 349 27.99 14.11 24.40
CA ASN A 349 28.36 13.58 25.71
C ASN A 349 27.21 13.57 26.72
N GLU A 350 26.33 14.55 26.62
CA GLU A 350 25.15 14.70 27.49
C GLU A 350 24.10 13.62 27.19
N PRO A 351 23.32 13.22 28.22
CA PRO A 351 22.16 12.34 28.01
C PRO A 351 21.11 13.00 27.12
N PRO A 352 20.51 12.22 26.19
CA PRO A 352 19.60 12.73 25.15
C PRO A 352 18.48 13.63 25.67
N LEU A 353 17.98 13.34 26.85
CA LEU A 353 16.86 14.05 27.46
C LEU A 353 17.09 15.58 27.51
N LYS A 354 18.11 15.99 28.26
CA LYS A 354 18.44 17.41 28.40
C LYS A 354 19.30 17.95 27.26
N ALA A 355 19.87 17.03 26.47
CA ALA A 355 20.55 17.40 25.23
C ALA A 355 19.55 17.98 24.24
N MET A 356 18.34 17.41 24.22
CA MET A 356 17.25 17.91 23.39
C MET A 356 16.70 19.23 23.91
N LYS A 357 16.68 19.38 25.24
CA LYS A 357 16.23 20.63 25.87
C LYS A 357 17.19 21.78 25.58
N MET A 358 18.49 21.45 25.55
CA MET A 358 19.53 22.42 25.22
C MET A 358 19.40 22.91 23.78
N ILE A 359 19.04 22.02 22.86
CA ILE A 359 18.79 22.40 21.46
C ILE A 359 17.54 23.29 21.38
N ARG A 360 16.54 22.97 22.18
CA ARG A 360 15.29 23.72 22.24
C ARG A 360 15.48 25.11 22.84
N ASP A 361 16.36 25.21 23.83
CA ASP A 361 16.56 26.47 24.56
C ASP A 361 17.65 27.37 23.98
N ASN A 362 18.84 26.79 23.76
CA ASN A 362 20.02 27.56 23.38
C ASN A 362 20.03 28.08 21.95
N LEU A 363 20.99 28.97 21.67
CA LEU A 363 21.24 29.50 20.33
C LEU A 363 21.77 28.40 19.41
N PRO A 364 21.75 28.61 18.07
CA PRO A 364 22.29 27.60 17.16
C PRO A 364 23.73 27.23 17.54
N PRO A 365 24.03 25.91 17.62
CA PRO A 365 25.39 25.48 17.99
C PRO A 365 26.42 25.90 16.95
N ARG A 366 27.55 26.42 17.44
CA ARG A 366 28.62 26.90 16.58
C ARG A 366 29.72 25.84 16.52
N LEU A 367 30.67 26.01 15.60
CA LEU A 367 31.83 25.14 15.53
C LEU A 367 32.82 25.47 16.64
N LYS A 368 33.75 24.54 16.92
CA LYS A 368 34.80 24.74 17.91
C LYS A 368 35.47 26.11 17.72
N ASN A 369 36.23 26.23 16.62
CA ASN A 369 36.86 27.49 16.26
C ASN A 369 36.92 27.66 14.75
N LEU A 370 36.46 28.83 14.29
CA LEU A 370 36.33 29.13 12.87
C LEU A 370 37.67 29.56 12.25
N HIS A 371 38.76 29.11 12.86
CA HIS A 371 40.10 29.50 12.46
C HIS A 371 40.54 28.84 11.18
N LYS A 372 40.44 27.52 11.15
CA LYS A 372 40.85 26.73 9.97
C LYS A 372 39.70 26.52 8.99
N VAL A 373 38.49 26.87 9.41
CA VAL A 373 37.30 26.77 8.56
C VAL A 373 37.26 27.92 7.58
N SER A 374 37.20 27.60 6.29
CA SER A 374 37.07 28.61 5.25
C SER A 374 35.72 29.30 5.36
N PRO A 375 35.66 30.61 5.01
CA PRO A 375 34.40 31.36 5.09
C PRO A 375 33.31 30.79 4.16
N SER A 376 33.75 30.09 3.12
CA SER A 376 32.84 29.40 2.21
C SER A 376 31.99 28.36 2.94
N LEU A 377 32.66 27.47 3.68
CA LEU A 377 31.97 26.46 4.49
C LEU A 377 31.15 27.10 5.61
N LYS A 378 31.74 28.10 6.26
CA LYS A 378 31.08 28.77 7.38
C LYS A 378 29.74 29.39 6.96
N GLY A 379 29.76 30.15 5.86
CA GLY A 379 28.55 30.77 5.31
C GLY A 379 27.53 29.74 4.87
N PHE A 380 28.04 28.58 4.46
CA PHE A 380 27.22 27.42 4.09
C PHE A 380 26.45 26.91 5.30
N LEU A 381 27.17 26.63 6.39
CA LEU A 381 26.58 26.13 7.61
C LEU A 381 25.64 27.14 8.28
N ASP A 382 25.89 28.42 8.05
CA ASP A 382 25.04 29.48 8.59
C ASP A 382 23.64 29.49 7.97
N ARG A 383 23.52 28.90 6.79
CA ARG A 383 22.23 28.74 6.13
C ARG A 383 21.52 27.48 6.65
N LEU A 384 22.31 26.51 7.12
CA LEU A 384 21.76 25.25 7.60
C LEU A 384 21.17 25.35 9.00
N LEU A 385 21.93 25.90 9.93
CA LEU A 385 21.53 25.91 11.33
C LEU A 385 20.83 27.21 11.76
N VAL A 386 19.67 27.46 11.15
CA VAL A 386 18.82 28.60 11.49
C VAL A 386 17.68 28.12 12.39
N ARG A 387 17.40 28.87 13.46
CA ARG A 387 16.31 28.54 14.38
C ARG A 387 14.94 28.65 13.71
N ASP A 388 14.68 29.82 13.12
CA ASP A 388 13.45 30.06 12.39
C ASP A 388 13.51 29.33 11.05
N PRO A 389 12.67 28.29 10.87
CA PRO A 389 12.70 27.44 9.67
C PRO A 389 12.31 28.19 8.39
N ALA A 390 11.57 29.29 8.54
CA ALA A 390 11.19 30.14 7.41
C ALA A 390 12.41 30.81 6.79
N GLN A 391 13.39 31.14 7.62
CA GLN A 391 14.64 31.76 7.18
C GLN A 391 15.67 30.72 6.74
N ARG A 392 15.56 29.52 7.30
CA ARG A 392 16.42 28.39 6.96
C ARG A 392 16.36 28.08 5.47
N ALA A 393 17.52 27.86 4.87
CA ALA A 393 17.63 27.60 3.44
C ALA A 393 17.05 26.24 3.05
N THR A 394 16.60 26.13 1.81
CA THR A 394 16.03 24.89 1.29
C THR A 394 17.05 24.11 0.48
N ALA A 395 16.81 22.80 0.35
CA ALA A 395 17.69 21.90 -0.41
C ALA A 395 17.95 22.39 -1.83
N ALA A 396 16.97 23.08 -2.40
CA ALA A 396 17.08 23.65 -3.74
C ALA A 396 18.12 24.77 -3.80
N GLU A 397 18.01 25.72 -2.87
CA GLU A 397 18.95 26.84 -2.75
C GLU A 397 20.37 26.35 -2.55
N LEU A 398 20.55 25.55 -1.51
CA LEU A 398 21.87 25.10 -1.06
C LEU A 398 22.66 24.36 -2.13
N LEU A 399 21.96 23.82 -3.12
CA LEU A 399 22.64 23.15 -4.23
C LEU A 399 23.46 24.11 -5.08
N LYS A 400 23.15 25.40 -4.96
CA LYS A 400 23.83 26.44 -5.71
C LYS A 400 24.84 27.22 -4.87
N HIS A 401 25.00 26.82 -3.61
CA HIS A 401 25.95 27.46 -2.70
C HIS A 401 27.37 27.23 -3.14
N PRO A 402 28.20 28.29 -3.14
CA PRO A 402 29.59 28.22 -3.62
C PRO A 402 30.44 27.13 -2.99
N PHE A 403 30.09 26.72 -1.77
CA PHE A 403 30.90 25.74 -1.04
C PHE A 403 30.93 24.36 -1.73
N LEU A 404 29.83 23.99 -2.36
CA LEU A 404 29.72 22.70 -3.03
C LEU A 404 30.58 22.59 -4.29
N ALA A 405 31.14 23.72 -4.72
CA ALA A 405 32.07 23.74 -5.86
C ALA A 405 33.41 23.10 -5.51
N LYS A 406 33.69 23.04 -4.20
CA LYS A 406 34.91 22.44 -3.68
C LYS A 406 34.87 20.91 -3.72
N ALA A 407 33.65 20.38 -3.81
CA ALA A 407 33.40 18.93 -3.79
C ALA A 407 34.33 18.15 -4.69
N GLY A 408 35.18 17.33 -4.07
CA GLY A 408 36.14 16.50 -4.80
C GLY A 408 35.49 15.29 -5.44
N PRO A 409 36.25 14.58 -6.30
CA PRO A 409 35.76 13.38 -6.98
C PRO A 409 35.51 12.24 -6.00
N PRO A 410 34.66 11.25 -6.38
CA PRO A 410 34.49 10.05 -5.56
C PRO A 410 35.82 9.42 -5.14
N ALA A 411 36.85 9.56 -5.98
CA ALA A 411 38.19 9.03 -5.71
C ALA A 411 38.87 9.65 -4.49
N SER A 412 38.57 10.91 -4.20
CA SER A 412 39.22 11.62 -3.10
C SER A 412 38.62 11.25 -1.73
N ILE A 413 37.58 10.43 -1.75
CA ILE A 413 36.96 9.93 -0.53
C ILE A 413 37.54 8.57 -0.14
N VAL A 414 38.00 7.82 -1.13
CA VAL A 414 38.59 6.49 -0.94
C VAL A 414 39.65 6.39 0.18
N PRO A 415 40.57 7.38 0.29
CA PRO A 415 41.57 7.32 1.36
C PRO A 415 41.00 7.37 2.78
N LEU A 416 39.81 7.96 2.94
CA LEU A 416 39.18 8.10 4.25
C LEU A 416 38.66 6.79 4.84
N MET A 417 38.35 5.83 3.96
CA MET A 417 37.70 4.58 4.37
C MET A 417 38.63 3.66 5.17
N ARG A 418 38.02 2.87 6.06
CA ARG A 418 38.74 2.00 7.02
C ARG A 418 39.89 1.20 6.41
N GLN A 419 39.67 0.65 5.22
CA GLN A 419 40.67 -0.18 4.53
C GLN A 419 41.98 0.54 4.23
N ASN A 420 41.92 1.87 4.08
CA ASN A 420 43.10 2.66 3.70
C ASN A 420 43.44 3.73 4.75
N ARG A 421 42.87 3.61 5.94
CA ARG A 421 42.91 4.66 6.94
C ARG A 421 44.21 4.70 7.74
N THR A 422 44.27 5.63 8.70
CA THR A 422 45.40 5.82 9.64
C THR A 422 46.76 5.99 8.97
N ARG B 46 -6.93 -12.29 -16.71
CA ARG B 46 -8.30 -12.22 -16.14
C ARG B 46 -9.25 -11.41 -17.03
N PRO B 47 -10.47 -11.91 -17.27
CA PRO B 47 -11.49 -11.16 -18.00
C PRO B 47 -12.02 -9.97 -17.20
N LYS B 48 -12.03 -8.80 -17.83
CA LYS B 48 -12.45 -7.56 -17.19
C LYS B 48 -13.98 -7.40 -17.29
N PRO B 49 -14.61 -6.84 -16.23
CA PRO B 49 -16.04 -6.50 -16.26
C PRO B 49 -16.43 -5.66 -17.48
N LEU B 50 -17.62 -5.93 -18.03
CA LEU B 50 -18.02 -5.36 -19.32
C LEU B 50 -19.35 -4.61 -19.28
N VAL B 51 -19.38 -3.46 -19.94
CA VAL B 51 -20.62 -2.69 -20.15
C VAL B 51 -20.77 -2.37 -21.64
N ASP B 52 -21.69 -3.07 -22.31
CA ASP B 52 -21.98 -2.91 -23.74
C ASP B 52 -20.77 -2.52 -24.62
N GLN B 129 -16.38 17.78 -24.62
CA GLN B 129 -17.39 17.37 -23.64
C GLN B 129 -17.28 18.16 -22.34
N ARG B 130 -17.57 19.47 -22.42
CA ARG B 130 -17.60 20.31 -21.23
C ARG B 130 -18.84 19.98 -20.40
N VAL B 131 -20.01 20.37 -20.91
CA VAL B 131 -21.30 20.16 -20.23
C VAL B 131 -21.42 18.75 -19.69
N SER B 132 -21.05 17.78 -20.54
CA SER B 132 -21.07 16.37 -20.19
C SER B 132 -20.26 16.08 -18.92
N HIS B 133 -18.98 16.44 -18.94
CA HIS B 133 -18.07 16.20 -17.82
C HIS B 133 -18.37 17.08 -16.64
N GLU B 134 -18.37 18.39 -16.88
CA GLU B 134 -18.49 19.38 -15.81
C GLU B 134 -19.80 19.26 -15.04
N GLN B 135 -20.87 18.90 -15.74
CA GLN B 135 -22.17 18.68 -15.12
C GLN B 135 -22.15 17.41 -14.27
N PHE B 136 -21.55 16.35 -14.80
CA PHE B 136 -21.45 15.07 -14.11
C PHE B 136 -20.59 15.19 -12.86
N ARG B 137 -19.50 15.95 -12.97
CA ARG B 137 -18.65 16.24 -11.82
C ARG B 137 -19.44 17.02 -10.76
N ALA B 138 -20.15 18.05 -11.21
CA ALA B 138 -20.96 18.89 -10.33
C ALA B 138 -21.98 18.07 -9.57
N ALA B 139 -22.54 17.06 -10.24
CA ALA B 139 -23.49 16.13 -9.65
C ALA B 139 -22.85 15.34 -8.51
N LEU B 140 -21.71 14.69 -8.81
CA LEU B 140 -20.99 13.88 -7.84
C LEU B 140 -20.49 14.69 -6.65
N GLN B 141 -20.12 15.93 -6.91
CA GLN B 141 -19.70 16.87 -5.88
C GLN B 141 -20.75 17.00 -4.78
N LEU B 142 -22.02 17.06 -5.19
CA LEU B 142 -23.16 17.18 -4.28
C LEU B 142 -23.47 15.87 -3.56
N VAL B 143 -23.20 14.75 -4.22
CA VAL B 143 -23.46 13.43 -3.66
C VAL B 143 -22.46 13.04 -2.57
N VAL B 144 -21.18 13.30 -2.81
CA VAL B 144 -20.09 12.88 -1.91
C VAL B 144 -19.95 13.80 -0.69
N ASP B 145 -19.16 13.33 0.28
CA ASP B 145 -18.75 14.15 1.42
C ASP B 145 -17.79 15.24 0.93
N PRO B 146 -17.75 16.39 1.64
CA PRO B 146 -16.89 17.49 1.19
C PRO B 146 -15.43 17.33 1.65
N GLY B 147 -14.53 18.06 0.99
CA GLY B 147 -13.12 18.11 1.39
C GLY B 147 -12.23 17.11 0.69
N ASP B 148 -11.07 16.86 1.29
CA ASP B 148 -10.07 15.92 0.76
C ASP B 148 -9.64 14.92 1.83
N PRO B 149 -9.60 13.62 1.47
CA PRO B 149 -9.26 12.54 2.41
C PRO B 149 -7.80 12.54 2.87
N ARG B 150 -6.93 13.15 2.08
CA ARG B 150 -5.50 13.20 2.39
C ARG B 150 -5.21 14.06 3.62
N SER B 151 -6.20 14.84 4.06
CA SER B 151 -6.10 15.60 5.30
C SER B 151 -6.04 14.70 6.54
N TYR B 152 -6.33 13.41 6.37
CA TYR B 152 -6.26 12.45 7.48
C TYR B 152 -5.73 11.06 7.11
N LEU B 153 -5.35 10.89 5.84
CA LEU B 153 -4.85 9.61 5.34
C LEU B 153 -3.40 9.66 4.86
N ASP B 154 -2.65 8.59 5.13
CA ASP B 154 -1.24 8.50 4.75
C ASP B 154 -0.94 7.22 3.94
N ASN B 155 0.15 7.27 3.18
CA ASN B 155 0.72 6.09 2.49
C ASN B 155 -0.21 5.41 1.50
N PHE B 156 -0.61 6.15 0.47
CA PHE B 156 -1.44 5.61 -0.60
C PHE B 156 -0.61 4.69 -1.50
N ILE B 157 -0.76 3.38 -1.30
CA ILE B 157 -0.04 2.38 -2.08
C ILE B 157 -1.03 1.48 -2.81
N LYS B 158 -0.90 1.40 -4.13
CA LYS B 158 -1.79 0.59 -4.97
C LYS B 158 -1.80 -0.89 -4.55
N ILE B 159 -2.98 -1.51 -4.61
CA ILE B 159 -3.13 -2.94 -4.35
C ILE B 159 -3.40 -3.67 -5.66
N GLY B 160 -4.46 -3.26 -6.36
CA GLY B 160 -4.84 -3.90 -7.61
C GLY B 160 -5.80 -3.05 -8.40
N GLU B 161 -5.68 -3.11 -9.73
CA GLU B 161 -6.58 -2.39 -10.61
C GLU B 161 -7.82 -3.23 -10.92
N GLY B 162 -8.95 -2.54 -11.12
CA GLY B 162 -10.18 -3.20 -11.53
C GLY B 162 -10.61 -2.74 -12.91
N SER B 163 -11.92 -2.63 -13.10
CA SER B 163 -12.48 -2.12 -14.35
C SER B 163 -12.78 -0.63 -14.24
N THR B 164 -13.37 -0.24 -13.11
CA THR B 164 -13.71 1.16 -12.83
C THR B 164 -12.49 2.00 -12.47
N GLY B 165 -11.47 1.35 -11.93
CA GLY B 165 -10.22 2.02 -11.56
C GLY B 165 -9.41 1.22 -10.57
N ILE B 166 -8.37 1.86 -10.03
CA ILE B 166 -7.45 1.18 -9.10
C ILE B 166 -7.94 1.22 -7.66
N VAL B 167 -7.69 0.13 -6.93
CA VAL B 167 -7.91 0.08 -5.50
C VAL B 167 -6.54 0.18 -4.86
N CYS B 168 -6.42 1.04 -3.85
CA CYS B 168 -5.17 1.18 -3.13
C CYS B 168 -5.39 1.27 -1.62
N ILE B 169 -4.35 0.99 -0.85
CA ILE B 169 -4.43 1.01 0.60
C ILE B 169 -3.98 2.37 1.17
N ALA B 170 -4.39 2.65 2.41
CA ALA B 170 -4.01 3.89 3.10
C ALA B 170 -4.20 3.72 4.60
N THR B 171 -3.61 4.63 5.38
CA THR B 171 -3.69 4.55 6.84
C THR B 171 -4.33 5.80 7.43
N VAL B 172 -5.11 5.59 8.49
CA VAL B 172 -5.64 6.70 9.28
C VAL B 172 -4.47 7.26 10.09
N ARG B 173 -4.21 8.55 9.90
CA ARG B 173 -3.07 9.22 10.53
C ARG B 173 -3.12 9.18 12.06
N SER B 174 -4.29 9.47 12.62
CA SER B 174 -4.47 9.54 14.07
C SER B 174 -4.38 8.17 14.74
N SER B 175 -5.25 7.24 14.34
CA SER B 175 -5.34 5.92 14.98
C SER B 175 -4.27 4.94 14.52
N GLY B 176 -3.89 5.04 13.24
CA GLY B 176 -2.92 4.12 12.66
C GLY B 176 -3.56 2.93 11.98
N LYS B 177 -4.90 2.92 11.98
CA LYS B 177 -5.68 1.82 11.40
C LYS B 177 -5.76 1.88 9.88
N LEU B 178 -5.89 0.72 9.25
CA LEU B 178 -5.87 0.59 7.80
C LEU B 178 -7.25 0.73 7.15
N VAL B 179 -7.28 1.43 6.01
CA VAL B 179 -8.47 1.53 5.18
C VAL B 179 -8.09 1.27 3.73
N ALA B 180 -9.09 1.09 2.87
CA ALA B 180 -8.86 0.99 1.43
C ALA B 180 -9.45 2.22 0.75
N VAL B 181 -8.90 2.57 -0.40
CA VAL B 181 -9.40 3.70 -1.17
C VAL B 181 -9.51 3.28 -2.64
N LYS B 182 -10.73 3.30 -3.16
CA LYS B 182 -10.95 3.05 -4.57
C LYS B 182 -10.87 4.38 -5.29
N LYS B 183 -10.01 4.44 -6.31
CA LYS B 183 -9.87 5.64 -7.11
C LYS B 183 -10.39 5.36 -8.51
N MET B 184 -11.39 6.13 -8.93
CA MET B 184 -12.00 5.97 -10.24
C MET B 184 -12.00 7.28 -10.99
N ASP B 185 -11.43 7.26 -12.20
CA ASP B 185 -11.39 8.44 -13.03
C ASP B 185 -12.74 8.64 -13.71
N LEU B 186 -13.21 9.89 -13.71
CA LEU B 186 -14.52 10.25 -14.25
C LEU B 186 -14.58 10.16 -15.78
N ARG B 187 -13.58 10.74 -16.44
CA ARG B 187 -13.55 10.74 -17.90
C ARG B 187 -12.99 9.46 -18.50
N LYS B 188 -12.53 8.55 -17.63
CA LYS B 188 -12.01 7.25 -18.06
C LYS B 188 -12.99 6.11 -17.78
N GLN B 189 -14.29 6.42 -17.77
CA GLN B 189 -15.31 5.43 -17.45
C GLN B 189 -15.95 4.78 -18.68
N GLN B 190 -16.50 3.58 -18.46
CA GLN B 190 -17.26 2.84 -19.46
C GLN B 190 -18.55 3.59 -19.76
N ARG B 191 -19.19 4.04 -18.68
CA ARG B 191 -20.52 4.60 -18.70
C ARG B 191 -20.69 5.35 -17.38
N ARG B 192 -20.30 6.62 -17.41
CA ARG B 192 -20.16 7.47 -16.23
C ARG B 192 -21.20 7.25 -15.13
N GLU B 193 -22.47 7.35 -15.51
CA GLU B 193 -23.60 7.36 -14.57
C GLU B 193 -23.64 6.20 -13.57
N LEU B 194 -22.88 5.15 -13.85
CA LEU B 194 -22.80 3.99 -12.96
C LEU B 194 -21.94 4.26 -11.72
N LEU B 195 -21.23 5.38 -11.72
CA LEU B 195 -20.39 5.73 -10.59
C LEU B 195 -21.20 6.08 -9.35
N PHE B 196 -22.46 6.46 -9.53
CA PHE B 196 -23.34 6.82 -8.42
C PHE B 196 -23.58 5.63 -7.47
N ASN B 197 -23.60 4.43 -8.05
CA ASN B 197 -23.77 3.20 -7.30
C ASN B 197 -22.74 3.06 -6.18
N GLU B 198 -21.47 3.27 -6.52
CA GLU B 198 -20.35 3.13 -5.58
C GLU B 198 -20.61 3.86 -4.26
N VAL B 199 -21.21 5.04 -4.34
CA VAL B 199 -21.52 5.86 -3.17
C VAL B 199 -22.79 5.38 -2.48
N VAL B 200 -23.87 5.30 -3.26
CA VAL B 200 -25.22 5.08 -2.74
C VAL B 200 -25.42 3.68 -2.15
N ILE B 201 -25.14 2.66 -2.93
CA ILE B 201 -25.38 1.27 -2.52
C ILE B 201 -24.79 0.98 -1.14
N MET B 202 -23.51 1.27 -0.96
CA MET B 202 -22.84 1.04 0.31
C MET B 202 -23.32 1.99 1.42
N ARG B 203 -23.76 3.18 1.03
CA ARG B 203 -24.31 4.17 1.96
C ARG B 203 -25.57 3.62 2.65
N ASP B 204 -26.49 3.12 1.83
CA ASP B 204 -27.79 2.66 2.29
C ASP B 204 -27.75 1.28 2.95
N TYR B 205 -27.22 0.30 2.22
CA TYR B 205 -27.35 -1.10 2.61
C TYR B 205 -26.25 -1.59 3.55
N GLN B 206 -26.15 -0.97 4.71
CA GLN B 206 -25.24 -1.42 5.76
C GLN B 206 -25.68 -2.79 6.26
N HIS B 207 -24.93 -3.82 5.89
CA HIS B 207 -25.28 -5.20 6.20
C HIS B 207 -24.07 -6.00 6.61
N GLU B 208 -24.30 -6.99 7.47
CA GLU B 208 -23.26 -7.89 7.98
C GLU B 208 -22.36 -8.48 6.87
N ASN B 209 -22.96 -8.83 5.74
CA ASN B 209 -22.24 -9.44 4.62
C ASN B 209 -21.99 -8.45 3.48
N VAL B 210 -21.89 -7.17 3.83
CA VAL B 210 -21.61 -6.13 2.86
C VAL B 210 -20.43 -5.27 3.33
N VAL B 211 -19.52 -4.98 2.39
CA VAL B 211 -18.37 -4.12 2.64
C VAL B 211 -18.84 -2.75 3.14
N GLU B 212 -18.31 -2.34 4.30
CA GLU B 212 -18.60 -1.03 4.87
C GLU B 212 -17.97 0.08 4.04
N MET B 213 -18.69 1.18 3.92
CA MET B 213 -18.16 2.39 3.31
C MET B 213 -18.12 3.45 4.39
N TYR B 214 -16.95 4.05 4.59
CA TYR B 214 -16.81 5.10 5.58
C TYR B 214 -17.17 6.46 4.99
N ASN B 215 -16.55 6.78 3.85
CA ASN B 215 -16.75 8.06 3.19
C ASN B 215 -16.47 8.01 1.69
N SER B 216 -16.97 9.02 0.98
CA SER B 216 -16.67 9.21 -0.43
C SER B 216 -16.28 10.66 -0.66
N TYR B 217 -15.33 10.89 -1.56
CA TYR B 217 -14.85 12.23 -1.87
C TYR B 217 -14.59 12.39 -3.35
N LEU B 218 -14.48 13.64 -3.78
CA LEU B 218 -14.14 13.95 -5.15
C LEU B 218 -12.80 14.67 -5.15
N VAL B 219 -11.86 14.15 -5.94
CA VAL B 219 -10.52 14.73 -6.04
C VAL B 219 -10.14 14.85 -7.51
N GLY B 220 -10.05 16.08 -8.00
CA GLY B 220 -9.76 16.32 -9.42
C GLY B 220 -10.74 15.59 -10.31
N ASP B 221 -10.21 14.79 -11.23
CA ASP B 221 -11.03 13.99 -12.14
C ASP B 221 -11.33 12.59 -11.57
N GLU B 222 -11.23 12.45 -10.25
CA GLU B 222 -11.33 11.13 -9.62
C GLU B 222 -12.32 11.08 -8.47
N LEU B 223 -13.02 9.95 -8.38
CA LEU B 223 -13.88 9.64 -7.24
C LEU B 223 -13.10 8.76 -6.27
N TRP B 224 -13.14 9.12 -4.99
CA TRP B 224 -12.37 8.43 -3.96
C TRP B 224 -13.24 7.90 -2.86
N VAL B 225 -13.63 6.64 -2.98
CA VAL B 225 -14.46 5.99 -1.99
C VAL B 225 -13.59 5.34 -0.92
N VAL B 226 -13.77 5.76 0.33
CA VAL B 226 -13.01 5.20 1.44
C VAL B 226 -13.83 4.11 2.13
N MET B 227 -13.49 2.86 1.83
CA MET B 227 -14.18 1.70 2.41
C MET B 227 -13.25 0.89 3.34
N GLU B 228 -13.80 -0.14 3.98
CA GLU B 228 -13.04 -0.99 4.89
C GLU B 228 -12.05 -1.89 4.16
N PHE B 229 -10.90 -2.12 4.78
CA PHE B 229 -9.90 -3.01 4.19
C PHE B 229 -10.20 -4.46 4.53
N LEU B 230 -10.27 -5.30 3.51
CA LEU B 230 -10.53 -6.72 3.71
C LEU B 230 -9.28 -7.58 3.53
N GLU B 231 -8.79 -8.07 4.67
CA GLU B 231 -7.52 -8.78 4.78
C GLU B 231 -7.43 -10.00 3.89
N GLY B 232 -8.44 -10.86 3.94
CA GLY B 232 -8.43 -12.14 3.25
C GLY B 232 -8.35 -12.11 1.74
N GLY B 233 -8.54 -10.92 1.15
CA GLY B 233 -8.52 -10.77 -0.29
C GLY B 233 -9.70 -11.42 -1.01
N ALA B 234 -9.59 -11.55 -2.33
CA ALA B 234 -10.67 -12.09 -3.14
C ALA B 234 -10.87 -13.60 -2.94
N LEU B 235 -12.06 -14.06 -3.29
CA LEU B 235 -12.36 -15.49 -3.30
C LEU B 235 -11.74 -16.15 -4.53
N THR B 236 -11.39 -15.34 -5.53
CA THR B 236 -10.74 -15.82 -6.76
C THR B 236 -9.43 -16.52 -6.41
N ASP B 237 -8.65 -15.86 -5.55
CA ASP B 237 -7.36 -16.36 -5.08
C ASP B 237 -7.48 -17.77 -4.52
N ILE B 238 -8.50 -18.00 -3.71
CA ILE B 238 -8.71 -19.29 -3.06
C ILE B 238 -9.27 -20.33 -4.02
N VAL B 239 -10.20 -19.94 -4.87
CA VAL B 239 -10.86 -20.84 -5.81
C VAL B 239 -9.88 -21.50 -6.80
N THR B 240 -8.90 -20.73 -7.25
CA THR B 240 -7.94 -21.20 -8.26
C THR B 240 -6.79 -22.04 -7.66
N HIS B 241 -6.36 -21.69 -6.45
CA HIS B 241 -5.20 -22.34 -5.82
C HIS B 241 -5.54 -23.65 -5.15
N THR B 242 -6.41 -23.60 -4.14
CA THR B 242 -6.96 -24.82 -3.53
C THR B 242 -8.44 -24.98 -3.91
N ARG B 243 -9.03 -26.09 -3.50
CA ARG B 243 -10.45 -26.31 -3.76
C ARG B 243 -11.19 -26.78 -2.52
N MET B 244 -12.19 -25.99 -2.15
CA MET B 244 -12.87 -26.06 -0.86
C MET B 244 -13.76 -27.28 -0.71
N ASN B 245 -14.03 -27.65 0.53
CA ASN B 245 -15.03 -28.67 0.83
C ASN B 245 -16.43 -28.06 0.88
N GLU B 246 -17.44 -28.92 0.94
CA GLU B 246 -18.85 -28.49 0.91
C GLU B 246 -19.21 -27.59 2.09
N GLU B 247 -18.67 -27.90 3.27
CA GLU B 247 -18.90 -27.12 4.48
C GLU B 247 -18.50 -25.66 4.27
N GLN B 248 -17.36 -25.44 3.61
CA GLN B 248 -16.84 -24.10 3.35
C GLN B 248 -17.60 -23.41 2.20
N ILE B 249 -17.95 -24.19 1.18
CA ILE B 249 -18.72 -23.68 0.05
C ILE B 249 -20.08 -23.16 0.51
N ALA B 250 -20.74 -23.92 1.38
CA ALA B 250 -22.02 -23.53 1.94
C ALA B 250 -21.90 -22.22 2.73
N ALA B 251 -20.82 -22.09 3.50
CA ALA B 251 -20.57 -20.89 4.30
C ALA B 251 -20.51 -19.64 3.43
N VAL B 252 -19.93 -19.77 2.24
CA VAL B 252 -19.85 -18.66 1.28
C VAL B 252 -21.24 -18.33 0.73
N CYS B 253 -21.91 -19.33 0.17
CA CYS B 253 -23.24 -19.16 -0.42
C CYS B 253 -24.25 -18.52 0.51
N LEU B 254 -24.20 -18.87 1.79
CA LEU B 254 -25.06 -18.27 2.80
C LEU B 254 -24.80 -16.77 2.92
N ALA B 255 -23.52 -16.41 3.07
CA ALA B 255 -23.11 -15.02 3.21
C ALA B 255 -23.49 -14.16 2.01
N VAL B 256 -23.36 -14.71 0.81
CA VAL B 256 -23.72 -13.99 -0.40
C VAL B 256 -25.24 -13.85 -0.53
N LEU B 257 -25.96 -14.94 -0.28
CA LEU B 257 -27.42 -14.92 -0.40
C LEU B 257 -28.07 -13.99 0.61
N GLN B 258 -27.55 -14.00 1.85
CA GLN B 258 -28.03 -13.07 2.87
C GLN B 258 -27.94 -11.62 2.40
N ALA B 259 -26.81 -11.27 1.78
CA ALA B 259 -26.61 -9.93 1.23
C ALA B 259 -27.51 -9.68 0.03
N LEU B 260 -27.57 -10.65 -0.87
CA LEU B 260 -28.35 -10.54 -2.10
C LEU B 260 -29.87 -10.49 -1.89
N SER B 261 -30.33 -11.11 -0.81
CA SER B 261 -31.76 -11.08 -0.47
C SER B 261 -32.18 -9.66 -0.14
N VAL B 262 -31.35 -8.97 0.65
CA VAL B 262 -31.60 -7.59 1.07
C VAL B 262 -31.60 -6.64 -0.13
N LEU B 263 -30.67 -6.85 -1.06
CA LEU B 263 -30.60 -6.04 -2.28
C LEU B 263 -31.79 -6.30 -3.19
N HIS B 264 -32.15 -7.58 -3.36
CA HIS B 264 -33.31 -7.95 -4.16
C HIS B 264 -34.61 -7.49 -3.53
N ALA B 265 -34.66 -7.49 -2.20
CA ALA B 265 -35.82 -6.98 -1.45
C ALA B 265 -36.16 -5.55 -1.87
N GLN B 266 -35.13 -4.73 -2.08
CA GLN B 266 -35.32 -3.35 -2.51
C GLN B 266 -35.21 -3.20 -4.03
N GLY B 267 -35.26 -4.32 -4.73
CA GLY B 267 -35.22 -4.33 -6.18
C GLY B 267 -33.91 -3.85 -6.77
N VAL B 268 -32.81 -4.25 -6.13
CA VAL B 268 -31.46 -3.88 -6.59
C VAL B 268 -30.70 -5.13 -7.06
N ILE B 269 -30.37 -5.13 -8.35
CA ILE B 269 -29.57 -6.18 -8.97
C ILE B 269 -28.10 -5.82 -8.86
N HIS B 270 -27.27 -6.79 -8.46
CA HIS B 270 -25.82 -6.59 -8.37
C HIS B 270 -25.19 -6.59 -9.73
N ARG B 271 -25.72 -7.43 -10.62
CA ARG B 271 -25.26 -7.54 -12.02
C ARG B 271 -23.85 -8.10 -12.23
N ASP B 272 -23.05 -8.18 -11.17
CA ASP B 272 -21.67 -8.66 -11.29
C ASP B 272 -21.23 -9.61 -10.16
N ILE B 273 -21.92 -10.74 -10.06
CA ILE B 273 -21.57 -11.77 -9.08
C ILE B 273 -20.50 -12.69 -9.65
N LYS B 274 -19.35 -12.73 -8.98
CA LYS B 274 -18.23 -13.60 -9.31
C LYS B 274 -17.33 -13.71 -8.09
N SER B 275 -16.41 -14.68 -8.09
CA SER B 275 -15.48 -14.87 -6.99
C SER B 275 -14.67 -13.61 -6.69
N ASP B 276 -14.48 -12.79 -7.73
CA ASP B 276 -13.71 -11.56 -7.64
C ASP B 276 -14.43 -10.50 -6.80
N SER B 277 -15.77 -10.56 -6.83
CA SER B 277 -16.61 -9.64 -6.08
C SER B 277 -16.69 -9.99 -4.59
N ILE B 278 -16.39 -11.23 -4.26
CA ILE B 278 -16.46 -11.72 -2.88
C ILE B 278 -15.13 -11.56 -2.18
N LEU B 279 -15.13 -10.90 -1.02
CA LEU B 279 -13.89 -10.67 -0.27
C LEU B 279 -13.99 -11.22 1.14
N LEU B 280 -12.84 -11.42 1.79
CA LEU B 280 -12.79 -11.99 3.14
C LEU B 280 -12.07 -11.13 4.17
N THR B 281 -12.39 -11.35 5.44
CA THR B 281 -11.64 -10.75 6.54
C THR B 281 -10.53 -11.71 6.95
N HIS B 282 -9.73 -11.31 7.93
CA HIS B 282 -8.68 -12.17 8.49
C HIS B 282 -9.27 -13.32 9.26
N ASP B 283 -10.46 -13.12 9.83
CA ASP B 283 -11.14 -14.13 10.64
C ASP B 283 -12.14 -14.97 9.84
N GLY B 284 -12.05 -14.88 8.51
CA GLY B 284 -12.81 -15.76 7.62
C GLY B 284 -14.24 -15.33 7.32
N ARG B 285 -14.63 -14.15 7.76
CA ARG B 285 -15.95 -13.62 7.45
C ARG B 285 -16.03 -13.16 6.00
N VAL B 286 -17.16 -13.42 5.36
CA VAL B 286 -17.37 -13.13 3.94
C VAL B 286 -18.20 -11.88 3.76
N LYS B 287 -17.81 -11.02 2.82
CA LYS B 287 -18.57 -9.81 2.48
C LYS B 287 -18.63 -9.62 0.97
N LEU B 288 -19.72 -9.04 0.49
CA LEU B 288 -19.89 -8.77 -0.93
C LEU B 288 -19.42 -7.36 -1.25
N SER B 289 -18.81 -7.19 -2.43
CA SER B 289 -18.23 -5.91 -2.83
C SER B 289 -18.43 -5.63 -4.33
N ASP B 290 -17.89 -4.51 -4.79
CA ASP B 290 -17.87 -4.12 -6.20
C ASP B 290 -19.28 -3.91 -6.75
N PHE B 291 -19.93 -2.86 -6.25
CA PHE B 291 -21.32 -2.57 -6.57
C PHE B 291 -21.49 -1.62 -7.75
N GLY B 292 -20.42 -1.40 -8.50
CA GLY B 292 -20.40 -0.43 -9.59
C GLY B 292 -21.32 -0.71 -10.77
N PHE B 293 -21.95 -1.88 -10.78
CA PHE B 293 -22.83 -2.26 -11.87
C PHE B 293 -24.29 -2.45 -11.44
N CYS B 294 -24.58 -2.03 -10.21
CA CYS B 294 -25.91 -2.18 -9.65
C CYS B 294 -27.00 -1.55 -10.49
N ALA B 295 -28.14 -2.24 -10.56
CA ALA B 295 -29.33 -1.79 -11.27
C ALA B 295 -30.48 -1.58 -10.31
N GLN B 296 -31.45 -0.78 -10.72
CA GLN B 296 -32.65 -0.56 -9.92
C GLN B 296 -33.88 -1.05 -10.68
N VAL B 297 -34.76 -1.72 -9.94
CA VAL B 297 -36.01 -2.24 -10.47
C VAL B 297 -37.11 -1.98 -9.42
N SER B 298 -38.25 -1.47 -9.89
CA SER B 298 -39.37 -1.12 -8.99
C SER B 298 -40.73 -1.56 -9.55
N LYS B 299 -41.79 -0.97 -8.99
CA LYS B 299 -43.16 -1.25 -9.45
C LYS B 299 -43.35 -0.81 -10.89
N GLU B 300 -42.82 0.37 -11.21
CA GLU B 300 -42.94 0.97 -12.55
C GLU B 300 -41.81 0.55 -13.49
N VAL B 301 -40.70 0.09 -12.92
CA VAL B 301 -39.62 -0.50 -13.70
C VAL B 301 -39.62 -2.00 -13.47
N PRO B 302 -40.08 -2.77 -14.48
CA PRO B 302 -40.19 -4.22 -14.31
C PRO B 302 -38.84 -4.95 -14.39
N ARG B 303 -38.15 -4.78 -15.52
CA ARG B 303 -36.88 -5.45 -15.76
C ARG B 303 -35.90 -4.43 -16.33
N ARG B 304 -34.61 -4.76 -16.31
CA ARG B 304 -33.58 -3.98 -16.99
C ARG B 304 -33.37 -4.58 -18.38
N LYS B 305 -32.47 -4.01 -19.17
CA LYS B 305 -32.19 -4.54 -20.51
C LYS B 305 -30.80 -4.22 -21.07
N SEP B 306 -29.90 -3.73 -20.22
CA SEP B 306 -28.54 -3.38 -20.64
CB SEP B 306 -28.00 -2.18 -19.86
OG SEP B 306 -29.04 -1.24 -19.60
C SEP B 306 -27.59 -4.53 -20.47
O SEP B 306 -27.68 -5.31 -19.53
P SEP B 306 -29.39 -0.83 -18.09
O1P SEP B 306 -29.99 0.55 -18.22
O2P SEP B 306 -30.40 -1.86 -17.64
O3P SEP B 306 -28.07 -0.87 -17.38
N LEU B 307 -26.64 -4.64 -21.41
CA LEU B 307 -25.61 -5.68 -21.37
C LEU B 307 -24.53 -5.32 -20.35
N VAL B 308 -24.64 -5.91 -19.17
CA VAL B 308 -23.76 -5.57 -18.04
C VAL B 308 -23.27 -6.82 -17.32
N GLY B 309 -21.99 -6.81 -16.92
CA GLY B 309 -21.40 -7.90 -16.13
C GLY B 309 -20.17 -8.51 -16.78
N THR B 310 -19.63 -9.54 -16.14
CA THR B 310 -18.52 -10.31 -16.70
C THR B 310 -19.07 -11.40 -17.62
N PRO B 311 -18.39 -11.63 -18.77
CA PRO B 311 -18.89 -12.48 -19.86
C PRO B 311 -19.36 -13.88 -19.44
N TYR B 312 -18.56 -14.59 -18.64
CA TYR B 312 -18.84 -15.98 -18.29
C TYR B 312 -19.97 -16.12 -17.26
N TRP B 313 -20.00 -15.20 -16.30
CA TRP B 313 -20.99 -15.23 -15.22
C TRP B 313 -22.33 -14.67 -15.63
N MET B 314 -22.43 -14.20 -16.87
CA MET B 314 -23.66 -13.64 -17.41
C MET B 314 -24.75 -14.70 -17.60
N ALA B 315 -25.97 -14.34 -17.23
CA ALA B 315 -27.14 -15.20 -17.41
C ALA B 315 -27.51 -15.34 -18.88
N PRO B 316 -28.26 -16.40 -19.24
CA PRO B 316 -28.65 -16.62 -20.65
C PRO B 316 -29.60 -15.57 -21.22
N GLU B 317 -30.56 -15.12 -20.41
CA GLU B 317 -31.53 -14.09 -20.86
C GLU B 317 -30.87 -12.71 -21.04
N LEU B 318 -29.81 -12.47 -20.27
CA LEU B 318 -29.04 -11.23 -20.36
C LEU B 318 -28.19 -11.20 -21.62
N ILE B 319 -27.67 -12.36 -22.02
CA ILE B 319 -26.86 -12.48 -23.23
C ILE B 319 -27.72 -12.36 -24.49
N SER B 320 -28.96 -12.82 -24.41
CA SER B 320 -29.92 -12.63 -25.51
C SER B 320 -30.52 -11.23 -25.53
N ARG B 321 -30.01 -10.37 -24.64
CA ARG B 321 -30.42 -8.96 -24.49
C ARG B 321 -31.90 -8.74 -24.16
N LEU B 322 -32.58 -9.80 -23.74
CA LEU B 322 -33.98 -9.73 -23.34
C LEU B 322 -34.12 -9.06 -21.97
N PRO B 323 -35.29 -8.45 -21.69
CA PRO B 323 -35.54 -7.82 -20.38
C PRO B 323 -35.36 -8.79 -19.22
N TYR B 324 -34.51 -8.43 -18.26
CA TYR B 324 -34.12 -9.31 -17.17
C TYR B 324 -34.30 -8.67 -15.79
N GLY B 325 -34.58 -9.50 -14.79
CA GLY B 325 -34.76 -9.02 -13.42
C GLY B 325 -33.62 -9.40 -12.49
N PRO B 326 -33.89 -9.45 -11.17
CA PRO B 326 -32.92 -9.81 -10.14
C PRO B 326 -32.40 -11.25 -10.26
N GLU B 327 -33.03 -12.03 -11.13
CA GLU B 327 -32.73 -13.46 -11.29
C GLU B 327 -31.34 -13.72 -11.89
N VAL B 328 -30.83 -12.75 -12.65
CA VAL B 328 -29.52 -12.87 -13.31
C VAL B 328 -28.37 -12.99 -12.30
N ASP B 329 -28.61 -12.53 -11.08
CA ASP B 329 -27.65 -12.68 -9.99
C ASP B 329 -27.61 -14.12 -9.47
N ILE B 330 -28.78 -14.73 -9.37
CA ILE B 330 -28.93 -16.12 -8.92
C ILE B 330 -28.15 -17.07 -9.85
N TRP B 331 -28.33 -16.88 -11.16
CA TRP B 331 -27.57 -17.63 -12.16
C TRP B 331 -26.10 -17.39 -12.00
N SER B 332 -25.71 -16.13 -11.89
CA SER B 332 -24.30 -15.75 -11.71
C SER B 332 -23.68 -16.47 -10.51
N LEU B 333 -24.46 -16.62 -9.44
CA LEU B 333 -24.02 -17.35 -8.26
C LEU B 333 -23.86 -18.83 -8.59
N GLY B 334 -24.76 -19.34 -9.43
CA GLY B 334 -24.66 -20.71 -9.92
C GLY B 334 -23.31 -20.98 -10.56
N ILE B 335 -22.88 -20.05 -11.40
CA ILE B 335 -21.58 -20.11 -12.04
C ILE B 335 -20.46 -19.99 -11.00
N MET B 336 -20.70 -19.21 -9.96
CA MET B 336 -19.73 -19.02 -8.89
C MET B 336 -19.61 -20.26 -8.00
N VAL B 337 -20.65 -21.10 -8.01
CA VAL B 337 -20.60 -22.39 -7.34
C VAL B 337 -19.70 -23.35 -8.12
N ILE B 338 -19.90 -23.40 -9.43
CA ILE B 338 -19.01 -24.15 -10.33
C ILE B 338 -17.56 -23.73 -10.13
N GLU B 339 -17.33 -22.43 -9.92
CA GLU B 339 -15.99 -21.92 -9.60
C GLU B 339 -15.38 -22.65 -8.41
N MET B 340 -16.08 -22.61 -7.28
CA MET B 340 -15.58 -23.17 -6.02
C MET B 340 -15.31 -24.66 -6.12
N VAL B 341 -16.19 -25.36 -6.85
CA VAL B 341 -16.09 -26.79 -7.02
C VAL B 341 -15.02 -27.17 -8.04
N ASP B 342 -15.15 -26.67 -9.27
CA ASP B 342 -14.33 -27.12 -10.41
C ASP B 342 -13.09 -26.26 -10.69
N GLY B 343 -12.96 -25.11 -10.03
CA GLY B 343 -11.82 -24.21 -10.21
C GLY B 343 -12.02 -23.10 -11.24
N GLU B 344 -12.90 -23.35 -12.21
CA GLU B 344 -13.16 -22.41 -13.30
C GLU B 344 -14.66 -22.26 -13.55
N PRO B 345 -15.09 -21.11 -14.10
CA PRO B 345 -16.43 -21.03 -14.66
C PRO B 345 -16.48 -21.82 -15.98
N PRO B 346 -17.67 -22.29 -16.39
CA PRO B 346 -17.76 -23.02 -17.65
C PRO B 346 -17.23 -22.21 -18.85
N TYR B 347 -16.52 -22.89 -19.74
CA TYR B 347 -15.92 -22.28 -20.94
C TYR B 347 -14.89 -21.18 -20.66
N PHE B 348 -14.23 -21.22 -19.51
CA PHE B 348 -13.27 -20.17 -19.13
C PHE B 348 -12.04 -20.12 -20.06
N ASN B 349 -11.71 -21.27 -20.64
CA ASN B 349 -10.62 -21.37 -21.61
C ASN B 349 -10.93 -20.72 -22.96
N GLU B 350 -12.20 -20.76 -23.35
CA GLU B 350 -12.68 -20.17 -24.61
C GLU B 350 -12.67 -18.64 -24.55
N PRO B 351 -12.48 -17.98 -25.72
CA PRO B 351 -12.64 -16.52 -25.81
C PRO B 351 -14.07 -16.09 -25.50
N PRO B 352 -14.23 -14.98 -24.74
CA PRO B 352 -15.52 -14.51 -24.21
C PRO B 352 -16.65 -14.45 -25.24
N LEU B 353 -16.30 -14.07 -26.47
CA LEU B 353 -17.25 -13.87 -27.56
C LEU B 353 -18.17 -15.09 -27.77
N LYS B 354 -17.56 -16.22 -28.13
CA LYS B 354 -18.32 -17.46 -28.38
C LYS B 354 -18.60 -18.24 -27.10
N ALA B 355 -17.91 -17.89 -26.02
CA ALA B 355 -18.20 -18.43 -24.70
C ALA B 355 -19.58 -17.96 -24.25
N MET B 356 -19.92 -16.71 -24.59
CA MET B 356 -21.24 -16.14 -24.32
C MET B 356 -22.32 -16.76 -25.21
N LYS B 357 -21.95 -17.06 -26.45
CA LYS B 357 -22.85 -17.71 -27.41
C LYS B 357 -23.19 -19.13 -26.97
N MET B 358 -22.19 -19.81 -26.41
CA MET B 358 -22.37 -21.16 -25.88
C MET B 358 -23.32 -21.19 -24.69
N ILE B 359 -23.26 -20.16 -23.84
CA ILE B 359 -24.20 -20.01 -22.72
C ILE B 359 -25.61 -19.73 -23.24
N ARG B 360 -25.69 -18.93 -24.31
CA ARG B 360 -26.96 -18.58 -24.94
C ARG B 360 -27.60 -19.78 -25.64
N ASP B 361 -26.77 -20.63 -26.24
CA ASP B 361 -27.27 -21.75 -27.05
C ASP B 361 -27.45 -23.05 -26.25
N ASN B 362 -26.42 -23.45 -25.52
CA ASN B 362 -26.37 -24.76 -24.86
C ASN B 362 -27.28 -24.88 -23.63
N LEU B 363 -27.42 -26.13 -23.16
CA LEU B 363 -28.15 -26.45 -21.93
C LEU B 363 -27.39 -25.92 -20.71
N PRO B 364 -28.05 -25.84 -19.53
CA PRO B 364 -27.34 -25.38 -18.34
C PRO B 364 -26.07 -26.19 -18.08
N PRO B 365 -24.94 -25.52 -17.83
CA PRO B 365 -23.67 -26.22 -17.60
C PRO B 365 -23.73 -27.08 -16.34
N ARG B 366 -23.24 -28.31 -16.45
CA ARG B 366 -23.24 -29.26 -15.34
C ARG B 366 -21.86 -29.31 -14.71
N LEU B 367 -21.75 -29.94 -13.54
CA LEU B 367 -20.45 -30.14 -12.90
C LEU B 367 -19.67 -31.26 -13.60
N LYS B 368 -18.36 -31.30 -13.36
CA LYS B 368 -17.50 -32.36 -13.92
C LYS B 368 -18.13 -33.73 -13.71
N ASN B 369 -18.16 -34.17 -12.46
CA ASN B 369 -18.81 -35.42 -12.09
C ASN B 369 -19.46 -35.35 -10.72
N LEU B 370 -20.73 -35.75 -10.66
CA LEU B 370 -21.54 -35.63 -9.45
C LEU B 370 -21.26 -36.77 -8.47
N HIS B 371 -20.05 -37.32 -8.55
CA HIS B 371 -19.68 -38.49 -7.75
C HIS B 371 -19.41 -38.12 -6.31
N LYS B 372 -18.55 -37.14 -6.10
CA LYS B 372 -18.19 -36.69 -4.75
C LYS B 372 -19.11 -35.57 -4.23
N VAL B 373 -19.92 -35.03 -5.12
CA VAL B 373 -20.88 -33.98 -4.78
C VAL B 373 -22.09 -34.59 -4.08
N SER B 374 -22.38 -34.11 -2.87
CA SER B 374 -23.55 -34.55 -2.12
C SER B 374 -24.82 -34.09 -2.84
N PRO B 375 -25.90 -34.89 -2.76
CA PRO B 375 -27.16 -34.54 -3.42
C PRO B 375 -27.76 -33.24 -2.89
N SER B 376 -27.40 -32.88 -1.66
CA SER B 376 -27.79 -31.62 -1.04
C SER B 376 -27.30 -30.43 -1.87
N LEU B 377 -25.99 -30.41 -2.16
CA LEU B 377 -25.40 -29.35 -2.97
C LEU B 377 -25.92 -29.40 -4.41
N LYS B 378 -26.05 -30.61 -4.95
CA LYS B 378 -26.49 -30.79 -6.33
C LYS B 378 -27.89 -30.21 -6.54
N GLY B 379 -28.82 -30.55 -5.65
CA GLY B 379 -30.19 -30.04 -5.70
C GLY B 379 -30.25 -28.54 -5.51
N PHE B 380 -29.27 -28.03 -4.75
CA PHE B 380 -29.09 -26.60 -4.54
C PHE B 380 -28.74 -25.91 -5.85
N LEU B 381 -27.69 -26.39 -6.52
CA LEU B 381 -27.25 -25.82 -7.79
C LEU B 381 -28.28 -25.96 -8.90
N ASP B 382 -29.13 -27.00 -8.80
CA ASP B 382 -30.20 -27.22 -9.78
C ASP B 382 -31.27 -26.14 -9.74
N ARG B 383 -31.37 -25.46 -8.60
CA ARG B 383 -32.27 -24.32 -8.47
C ARG B 383 -31.62 -23.04 -8.99
N LEU B 384 -30.29 -23.00 -8.97
CA LEU B 384 -29.55 -21.82 -9.40
C LEU B 384 -29.46 -21.70 -10.92
N LEU B 385 -29.04 -22.78 -11.58
CA LEU B 385 -28.78 -22.71 -13.02
C LEU B 385 -29.97 -23.19 -13.87
N VAL B 386 -31.06 -22.44 -13.79
CA VAL B 386 -32.25 -22.69 -14.60
C VAL B 386 -32.26 -21.71 -15.78
N ARG B 387 -32.57 -22.19 -16.98
CA ARG B 387 -32.65 -21.34 -18.17
C ARG B 387 -33.80 -20.36 -18.08
N ASP B 388 -35.01 -20.89 -17.83
CA ASP B 388 -36.19 -20.06 -17.65
C ASP B 388 -36.14 -19.38 -16.28
N PRO B 389 -35.98 -18.03 -16.27
CA PRO B 389 -35.81 -17.28 -15.02
C PRO B 389 -37.04 -17.32 -14.11
N ALA B 390 -38.21 -17.57 -14.71
CA ALA B 390 -39.45 -17.71 -13.95
C ALA B 390 -39.42 -18.93 -13.04
N GLN B 391 -38.75 -19.98 -13.49
CA GLN B 391 -38.60 -21.22 -12.72
C GLN B 391 -37.41 -21.16 -11.77
N ARG B 392 -36.43 -20.34 -12.13
CA ARG B 392 -35.23 -20.12 -11.32
C ARG B 392 -35.60 -19.61 -9.93
N ALA B 393 -34.98 -20.19 -8.91
CA ALA B 393 -35.25 -19.86 -7.51
C ALA B 393 -34.78 -18.45 -7.15
N THR B 394 -35.45 -17.86 -6.17
CA THR B 394 -35.11 -16.51 -5.71
C THR B 394 -34.24 -16.55 -4.45
N ALA B 395 -33.51 -15.46 -4.21
CA ALA B 395 -32.64 -15.34 -3.05
C ALA B 395 -33.35 -15.63 -1.74
N ALA B 396 -34.64 -15.31 -1.68
CA ALA B 396 -35.47 -15.57 -0.51
C ALA B 396 -35.64 -17.08 -0.26
N GLU B 397 -36.03 -17.80 -1.31
CA GLU B 397 -36.22 -19.25 -1.25
C GLU B 397 -34.94 -19.95 -0.82
N LEU B 398 -33.88 -19.69 -1.59
CA LEU B 398 -32.60 -20.37 -1.43
C LEU B 398 -32.00 -20.25 -0.04
N LEU B 399 -32.41 -19.23 0.70
CA LEU B 399 -31.94 -19.06 2.07
C LEU B 399 -32.44 -20.17 2.99
N LYS B 400 -33.49 -20.86 2.55
CA LYS B 400 -34.08 -21.93 3.34
C LYS B 400 -33.71 -23.33 2.81
N HIS B 401 -32.85 -23.36 1.79
CA HIS B 401 -32.40 -24.62 1.21
C HIS B 401 -31.54 -25.39 2.16
N PRO B 402 -31.79 -26.72 2.30
CA PRO B 402 -31.08 -27.56 3.26
C PRO B 402 -29.56 -27.52 3.19
N PHE B 403 -29.03 -27.19 2.02
CA PHE B 403 -27.58 -27.19 1.81
C PHE B 403 -26.85 -26.16 2.67
N LEU B 404 -27.49 -25.03 2.90
CA LEU B 404 -26.89 -23.94 3.68
C LEU B 404 -26.78 -24.27 5.18
N ALA B 405 -27.38 -25.38 5.60
CA ALA B 405 -27.25 -25.86 6.98
C ALA B 405 -25.86 -26.42 7.24
N LYS B 406 -25.17 -26.79 6.17
CA LYS B 406 -23.81 -27.32 6.24
C LYS B 406 -22.78 -26.23 6.50
N ALA B 407 -23.18 -24.99 6.22
CA ALA B 407 -22.30 -23.81 6.36
C ALA B 407 -21.51 -23.79 7.66
N GLY B 408 -20.20 -23.93 7.54
CA GLY B 408 -19.32 -23.92 8.70
C GLY B 408 -19.08 -22.51 9.24
N PRO B 409 -18.45 -22.41 10.42
CA PRO B 409 -18.15 -21.13 11.05
C PRO B 409 -17.13 -20.32 10.24
N PRO B 410 -17.08 -18.99 10.44
CA PRO B 410 -16.03 -18.17 9.83
C PRO B 410 -14.63 -18.75 10.03
N ALA B 411 -14.42 -19.43 11.16
CA ALA B 411 -13.13 -20.06 11.50
C ALA B 411 -12.70 -21.16 10.55
N SER B 412 -13.67 -21.87 9.96
CA SER B 412 -13.37 -22.99 9.07
C SER B 412 -12.96 -22.54 7.67
N ILE B 413 -13.03 -21.23 7.43
CA ILE B 413 -12.59 -20.65 6.17
C ILE B 413 -11.13 -20.18 6.24
N VAL B 414 -10.69 -19.83 7.46
CA VAL B 414 -9.32 -19.36 7.71
C VAL B 414 -8.20 -20.22 7.08
N PRO B 415 -8.30 -21.57 7.17
CA PRO B 415 -7.26 -22.41 6.57
C PRO B 415 -7.11 -22.26 5.05
N LEU B 416 -8.19 -21.86 4.37
CA LEU B 416 -8.18 -21.74 2.91
C LEU B 416 -7.36 -20.55 2.39
N MET B 417 -7.19 -19.53 3.24
CA MET B 417 -6.55 -18.29 2.83
C MET B 417 -5.04 -18.43 2.60
N ARG B 418 -4.52 -17.60 1.68
CA ARG B 418 -3.12 -17.66 1.22
C ARG B 418 -2.09 -17.82 2.34
N GLN B 419 -2.28 -17.09 3.43
CA GLN B 419 -1.34 -17.11 4.56
C GLN B 419 -1.17 -18.49 5.21
N ASN B 420 -2.20 -19.33 5.11
CA ASN B 420 -2.18 -20.65 5.76
C ASN B 420 -2.34 -21.80 4.77
N ARG B 421 -2.16 -21.49 3.47
CA ARG B 421 -2.51 -22.43 2.40
C ARG B 421 -1.45 -23.50 2.14
N THR B 422 -1.72 -24.34 1.14
CA THR B 422 -0.82 -25.42 0.66
C THR B 422 -0.36 -26.39 1.76
PG ANP C . 16.02 3.26 9.97
O1G ANP C . 15.47 2.87 11.32
O2G ANP C . 15.20 2.72 8.81
O3G ANP C . 16.37 4.72 9.85
PB ANP C . 18.02 1.34 11.19
O1B ANP C . 16.84 0.49 11.55
O2B ANP C . 18.64 2.18 12.28
N3B ANP C . 17.54 2.41 9.89
PA ANP C . 20.71 0.67 10.54
O1A ANP C . 21.15 1.29 11.86
O2A ANP C . 20.96 1.40 9.26
O3A ANP C . 19.14 0.32 10.63
O5' ANP C . 21.40 -0.78 10.38
C5' ANP C . 22.63 -1.10 11.03
C4' ANP C . 23.83 -0.55 10.26
O4' ANP C . 24.02 -1.25 9.04
C3' ANP C . 23.66 0.93 9.90
O3' ANP C . 24.37 1.77 10.83
C2' ANP C . 24.22 1.06 8.51
O2' ANP C . 25.42 1.84 8.52
C1' ANP C . 24.53 -0.36 8.03
N9 ANP C . 23.90 -0.63 6.70
C8 ANP C . 22.61 -0.42 6.38
N7 ANP C . 22.37 -0.77 5.09
C5 ANP C . 23.52 -1.21 4.55
C6 ANP C . 23.98 -1.73 3.23
N6 ANP C . 23.12 -1.85 2.19
N1 ANP C . 25.28 -2.09 3.10
C2 ANP C . 26.16 -1.97 4.14
N3 ANP C . 25.81 -1.51 5.35
C4 ANP C . 24.53 -1.12 5.63
PG ANP D . -16.55 -2.98 -10.13
O1G ANP D . -16.09 -2.58 -11.51
O2G ANP D . -17.06 -1.83 -9.30
O3G ANP D . -17.45 -4.20 -10.11
PB ANP D . -13.53 -3.31 -10.15
O1B ANP D . -13.61 -2.07 -11.01
O2B ANP D . -13.19 -4.61 -10.83
N3B ANP D . -15.07 -3.49 -9.34
PA ANP D . -11.99 -4.12 -7.93
O1A ANP D . -12.37 -5.49 -8.43
O2A ANP D . -12.49 -3.62 -6.60
O3A ANP D . -12.38 -3.03 -9.06
O5' ANP D . -10.38 -4.04 -7.89
C5' ANP D . -9.58 -5.18 -8.19
C4' ANP D . -9.37 -6.08 -6.97
O4' ANP D . -9.21 -5.32 -5.75
C3' ANP D . -10.56 -7.01 -6.72
O3' ANP D . -10.34 -8.28 -7.36
C2' ANP D . -10.62 -7.16 -5.21
O2' ANP D . -10.21 -8.46 -4.81
C1' ANP D . -9.66 -6.12 -4.65
N9 ANP D . -10.31 -5.29 -3.59
C8 ANP D . -11.34 -4.44 -3.76
N7 ANP D . -11.70 -3.85 -2.59
C5 ANP D . -10.89 -4.33 -1.62
C6 ANP D . -10.73 -4.13 -0.16
N6 ANP D . -11.52 -3.27 0.53
N1 ANP D . -9.76 -4.84 0.47
C2 ANP D . -8.96 -5.70 -0.19
N3 ANP D . -9.05 -5.93 -1.52
C4 ANP D . -9.98 -5.29 -2.28
#